data_6YUH
#
_entry.id   6YUH
#
_cell.length_a   60.142
_cell.length_b   66.284
_cell.length_c   105.949
_cell.angle_alpha   90.000
_cell.angle_beta   90.000
_cell.angle_gamma   90.000
#
_symmetry.space_group_name_H-M   'P 21 21 21'
#
loop_
_entity.id
_entity.type
_entity.pdbx_description
1 polymer 'Histone-lysine N-methyltransferase SMYD3'
2 non-polymer S-ADENOSYLMETHIONINE
3 non-polymer GLYCEROL
4 non-polymer Diperodon
5 non-polymer 'ZINC ION'
6 water water
#
_entity_poly.entity_id   1
_entity_poly.type   'polypeptide(L)'
_entity_poly.pdbx_seq_one_letter_code
;PLKVEKFATANRGNGLRAVTPLRPGELLFRSDPLAYTVCKGSRGVVCDRCLLGKEKLMRCSQCRVAKYCSAKCQKKAWPD
HKRECKCLKSCKPRYPPDSVRLLGRVVFKLMDGAPSESEKLYSFYDLESNINKLTEDRKEGLRQLVMTFQHFMREEIQDA
SQLPPAFDLFEAFAKVICNSFTICNAEMQEVGVGLYPSISLLNHSCDPNCSIVFNGPHLLLRAVRDIEVGEELTICYLDM
LMTSEERRKQLRDQYCFECDCFRCQTQDKDADMLTGDEQVWKEVQESLKKIEELKAHWKWEQVLAMCQAIISSNSERLPD
INIYQLKVLDCAMDACINLGLLEEALFYGTRTMEPYRIFFPGSHPVRGVQVMKVGKLQLHQGMFPQAMKNLRLAFDIMRV
THGREHSLIEDLILLLEECDANIRA
;
_entity_poly.pdbx_strand_id   A
#
# COMPACT_ATOMS: atom_id res chain seq x y z
N PRO A 1 -1.58 -27.46 -4.53
CA PRO A 1 -1.62 -26.97 -5.92
C PRO A 1 -0.99 -25.59 -6.07
N LEU A 2 0.31 -25.47 -5.78
CA LEU A 2 0.98 -24.18 -5.77
C LEU A 2 2.18 -24.19 -6.71
N LYS A 3 2.50 -23.00 -7.23
CA LYS A 3 3.60 -22.81 -8.14
C LYS A 3 4.84 -22.24 -7.45
N VAL A 4 4.78 -22.05 -6.13
CA VAL A 4 5.82 -21.43 -5.33
C VAL A 4 6.08 -22.29 -4.10
N GLU A 5 7.28 -22.13 -3.52
CA GLU A 5 7.64 -22.87 -2.32
C GLU A 5 8.59 -22.02 -1.49
N LYS A 6 8.52 -22.20 -0.17
CA LYS A 6 9.49 -21.63 0.75
C LYS A 6 10.85 -22.31 0.59
N PHE A 7 11.92 -21.54 0.76
CA PHE A 7 13.26 -22.08 0.74
C PHE A 7 14.18 -21.19 1.55
N ALA A 8 15.32 -21.75 1.93
CA ALA A 8 16.34 -21.02 2.68
C ALA A 8 17.32 -20.41 1.68
N THR A 9 17.39 -19.07 1.66
CA THR A 9 18.31 -18.40 0.76
C THR A 9 19.72 -18.44 1.32
N ALA A 10 20.68 -18.12 0.44
CA ALA A 10 22.08 -18.09 0.85
C ALA A 10 22.35 -16.94 1.81
N ASN A 11 21.77 -15.75 1.56
CA ASN A 11 22.13 -14.64 2.44
C ASN A 11 21.00 -13.66 2.76
N ARG A 12 19.73 -14.05 2.65
CA ARG A 12 18.66 -13.13 3.04
C ARG A 12 17.55 -13.89 3.75
N GLY A 13 17.91 -14.85 4.59
CA GLY A 13 16.91 -15.57 5.36
C GLY A 13 16.12 -16.53 4.49
N ASN A 14 14.86 -16.71 4.85
CA ASN A 14 13.96 -17.49 4.03
C ASN A 14 13.37 -16.63 2.93
N GLY A 15 12.98 -17.30 1.84
CA GLY A 15 12.37 -16.62 0.72
C GLY A 15 11.41 -17.53 -0.01
N LEU A 16 10.90 -17.07 -1.14
CA LEU A 16 9.99 -17.82 -1.98
C LEU A 16 10.60 -17.97 -3.35
N ARG A 17 10.49 -19.18 -3.92
CA ARG A 17 10.97 -19.40 -5.28
C ARG A 17 9.91 -20.14 -6.09
N ALA A 18 10.04 -20.01 -7.40
CA ALA A 18 9.15 -20.70 -8.33
C ALA A 18 9.59 -22.16 -8.47
N VAL A 19 8.63 -23.07 -8.35
CA VAL A 19 8.89 -24.49 -8.62
C VAL A 19 8.66 -24.83 -10.08
N THR A 20 8.13 -23.90 -10.86
CA THR A 20 7.88 -24.07 -12.27
C THR A 20 8.00 -22.70 -12.94
N PRO A 21 8.29 -22.65 -14.23
CA PRO A 21 8.36 -21.35 -14.91
C PRO A 21 7.05 -20.59 -14.83
N LEU A 22 7.16 -19.28 -14.65
CA LEU A 22 6.00 -18.41 -14.53
C LEU A 22 6.04 -17.33 -15.61
N ARG A 23 4.86 -16.94 -16.06
CA ARG A 23 4.74 -15.92 -17.11
C ARG A 23 4.05 -14.66 -16.57
N PRO A 24 4.25 -13.51 -17.20
CA PRO A 24 3.62 -12.28 -16.70
C PRO A 24 2.13 -12.43 -16.50
N GLY A 25 1.62 -11.90 -15.38
CA GLY A 25 0.21 -11.96 -15.07
C GLY A 25 -0.23 -13.16 -14.27
N GLU A 26 0.62 -14.17 -14.10
CA GLU A 26 0.19 -15.41 -13.46
C GLU A 26 -0.05 -15.18 -11.97
N LEU A 27 -1.23 -15.61 -11.50
CA LEU A 27 -1.57 -15.54 -10.09
C LEU A 27 -0.82 -16.63 -9.34
N LEU A 28 -0.05 -16.23 -8.32
CA LEU A 28 0.80 -17.14 -7.57
C LEU A 28 0.25 -17.44 -6.18
N PHE A 29 -0.54 -16.54 -5.61
CA PHE A 29 -1.03 -16.70 -4.25
C PHE A 29 -2.03 -15.58 -3.99
N ARG A 30 -3.04 -15.88 -3.18
CA ARG A 30 -3.98 -14.88 -2.73
C ARG A 30 -4.31 -15.15 -1.28
N SER A 31 -4.56 -14.08 -0.53
CA SER A 31 -4.65 -14.20 0.91
C SER A 31 -5.47 -13.07 1.49
N ASP A 32 -6.40 -13.41 2.37
CA ASP A 32 -6.91 -12.45 3.33
C ASP A 32 -5.83 -12.17 4.39
N PRO A 33 -5.96 -11.09 5.14
CA PRO A 33 -4.98 -10.82 6.19
C PRO A 33 -5.16 -11.78 7.36
N LEU A 34 -4.04 -12.08 8.03
CA LEU A 34 -4.12 -12.62 9.38
C LEU A 34 -4.83 -11.64 10.31
N ALA A 35 -4.47 -10.36 10.19
CA ALA A 35 -5.08 -9.27 10.94
C ALA A 35 -4.84 -7.99 10.18
N TYR A 36 -5.75 -7.03 10.30
CA TYR A 36 -5.57 -5.74 9.64
C TYR A 36 -6.38 -4.68 10.37
N THR A 37 -6.06 -3.43 10.08
CA THR A 37 -6.82 -2.31 10.64
C THR A 37 -6.77 -1.16 9.65
N VAL A 38 -7.80 -0.31 9.68
CA VAL A 38 -7.73 0.95 8.95
C VAL A 38 -6.61 1.78 9.55
N CYS A 39 -5.94 2.58 8.72
CA CYS A 39 -4.87 3.48 9.14
CA CYS A 39 -4.88 3.42 9.23
C CYS A 39 -5.44 4.73 9.78
N LYS A 40 -4.56 5.44 10.51
CA LYS A 40 -4.90 6.68 11.19
C LYS A 40 -5.70 7.63 10.32
N GLY A 41 -5.16 8.00 9.16
CA GLY A 41 -5.77 9.06 8.36
C GLY A 41 -7.11 8.69 7.76
N SER A 42 -7.34 7.40 7.49
CA SER A 42 -8.61 6.98 6.90
C SER A 42 -9.66 6.53 7.92
N ARG A 43 -9.33 6.52 9.21
CA ARG A 43 -10.32 6.11 10.20
C ARG A 43 -11.46 7.12 10.23
N GLY A 44 -12.69 6.63 10.12
CA GLY A 44 -13.84 7.50 10.02
C GLY A 44 -14.12 7.99 8.62
N VAL A 45 -13.24 7.72 7.67
CA VAL A 45 -13.47 8.04 6.27
C VAL A 45 -13.83 6.80 5.47
N VAL A 46 -13.23 5.65 5.80
CA VAL A 46 -13.56 4.41 5.12
C VAL A 46 -14.13 3.43 6.14
N CYS A 47 -14.94 2.50 5.63
CA CYS A 47 -15.50 1.41 6.43
C CYS A 47 -14.37 0.55 7.01
N ASP A 48 -14.45 0.29 8.33
CA ASP A 48 -13.46 -0.53 9.02
C ASP A 48 -13.31 -1.93 8.42
N ARG A 49 -14.35 -2.44 7.76
CA ARG A 49 -14.30 -3.80 7.27
C ARG A 49 -13.84 -3.86 5.81
N CYS A 50 -14.61 -3.25 4.90
CA CYS A 50 -14.28 -3.38 3.49
C CYS A 50 -13.30 -2.32 2.98
N LEU A 51 -13.00 -1.29 3.78
CA LEU A 51 -12.01 -0.27 3.46
C LEU A 51 -12.41 0.61 2.28
N LEU A 52 -13.71 0.71 2.00
CA LEU A 52 -14.21 1.58 0.95
C LEU A 52 -14.64 2.91 1.55
N GLY A 53 -14.45 3.98 0.79
CA GLY A 53 -14.91 5.29 1.20
C GLY A 53 -16.38 5.48 0.88
N LYS A 54 -17.19 5.61 1.92
CA LYS A 54 -18.61 5.92 1.79
C LYS A 54 -18.90 7.18 2.57
N GLU A 55 -19.82 8.00 2.06
CA GLU A 55 -20.12 9.25 2.75
C GLU A 55 -20.89 9.00 4.03
N LYS A 56 -21.77 8.00 4.04
CA LYS A 56 -22.53 7.64 5.23
C LYS A 56 -21.89 6.42 5.87
N LEU A 57 -21.34 6.61 7.06
CA LEU A 57 -20.77 5.54 7.87
C LEU A 57 -21.38 5.60 9.26
N MET A 58 -21.57 4.43 9.86
CA MET A 58 -22.17 4.32 11.18
C MET A 58 -21.13 3.86 12.19
N ARG A 59 -21.08 4.53 13.34
CA ARG A 59 -20.18 4.13 14.41
C ARG A 59 -20.71 2.88 15.12
N CYS A 60 -19.78 2.06 15.60
CA CYS A 60 -20.15 0.94 16.46
C CYS A 60 -20.70 1.48 17.78
N SER A 61 -21.77 0.85 18.27
CA SER A 61 -22.47 1.36 19.44
C SER A 61 -21.55 1.45 20.66
N GLN A 62 -20.83 0.38 20.95
CA GLN A 62 -20.11 0.26 22.21
C GLN A 62 -18.94 1.24 22.29
N CYS A 63 -18.03 1.18 21.31
CA CYS A 63 -16.82 1.99 21.38
C CYS A 63 -16.92 3.30 20.62
N ARG A 64 -17.82 3.40 19.64
CA ARG A 64 -17.95 4.56 18.77
C ARG A 64 -16.61 4.91 18.10
N VAL A 65 -15.71 3.94 17.98
CA VAL A 65 -14.45 4.11 17.26
C VAL A 65 -14.53 3.49 15.87
N ALA A 66 -14.89 2.22 15.80
CA ALA A 66 -15.09 1.55 14.51
C ALA A 66 -16.28 2.15 13.77
N LYS A 67 -16.13 2.32 12.46
CA LYS A 67 -17.20 2.81 11.60
C LYS A 67 -17.44 1.81 10.48
N TYR A 68 -18.70 1.68 10.06
CA TYR A 68 -19.07 0.69 9.06
C TYR A 68 -20.00 1.30 8.02
N CYS A 69 -19.97 0.74 6.82
CA CYS A 69 -20.81 1.20 5.73
C CYS A 69 -22.16 0.49 5.68
N SER A 70 -22.39 -0.51 6.52
CA SER A 70 -23.51 -1.41 6.32
C SER A 70 -23.58 -2.40 7.47
N ALA A 71 -24.79 -2.94 7.69
CA ALA A 71 -24.96 -3.99 8.70
C ALA A 71 -24.13 -5.21 8.35
N LYS A 72 -24.04 -5.54 7.05
CA LYS A 72 -23.23 -6.66 6.61
C LYS A 72 -21.77 -6.50 7.05
N CYS A 73 -21.21 -5.30 6.90
CA CYS A 73 -19.80 -5.11 7.27
C CYS A 73 -19.62 -5.15 8.78
N GLN A 74 -20.53 -4.53 9.54
CA GLN A 74 -20.44 -4.62 10.99
C GLN A 74 -20.46 -6.07 11.46
N LYS A 75 -21.32 -6.89 10.85
CA LYS A 75 -21.48 -8.28 11.26
C LYS A 75 -20.25 -9.11 10.90
N LYS A 76 -19.73 -8.93 9.68
CA LYS A 76 -18.56 -9.70 9.28
C LYS A 76 -17.30 -9.23 10.01
N ALA A 77 -17.29 -8.02 10.56
CA ALA A 77 -16.16 -7.53 11.31
C ALA A 77 -16.20 -7.90 12.79
N TRP A 78 -17.38 -8.21 13.34
CA TRP A 78 -17.53 -8.42 14.77
C TRP A 78 -16.57 -9.43 15.37
N PRO A 79 -16.26 -10.58 14.73
CA PRO A 79 -15.25 -11.47 15.34
C PRO A 79 -13.89 -10.81 15.53
N ASP A 80 -13.41 -10.09 14.51
CA ASP A 80 -12.16 -9.36 14.65
C ASP A 80 -12.26 -8.18 15.61
N HIS A 81 -13.46 -7.66 15.86
CA HIS A 81 -13.60 -6.40 16.58
C HIS A 81 -14.04 -6.55 18.02
N LYS A 82 -14.68 -7.66 18.40
CA LYS A 82 -15.40 -7.71 19.67
C LYS A 82 -14.49 -7.41 20.87
N ARG A 83 -13.29 -7.99 20.90
CA ARG A 83 -12.45 -7.82 22.09
C ARG A 83 -11.70 -6.49 22.08
N GLU A 84 -11.26 -6.01 20.91
CA GLU A 84 -10.66 -4.68 20.84
C GLU A 84 -11.68 -3.59 21.09
N CYS A 85 -12.96 -3.88 20.88
CA CYS A 85 -14.00 -2.88 21.10
C CYS A 85 -14.00 -2.41 22.55
N LYS A 86 -14.02 -3.35 23.49
CA LYS A 86 -13.96 -3.00 24.91
C LYS A 86 -12.69 -2.23 25.23
N CYS A 87 -11.57 -2.56 24.56
CA CYS A 87 -10.32 -1.85 24.82
C CYS A 87 -10.38 -0.42 24.29
N LEU A 88 -10.86 -0.25 23.06
CA LEU A 88 -11.02 1.09 22.51
C LEU A 88 -11.97 1.92 23.35
N LYS A 89 -13.09 1.32 23.76
CA LYS A 89 -13.97 1.95 24.76
C LYS A 89 -13.20 2.27 26.02
N SER A 90 -12.40 1.30 26.51
CA SER A 90 -11.60 1.49 27.70
C SER A 90 -10.72 2.73 27.61
N CYS A 91 -10.19 3.03 26.43
CA CYS A 91 -9.03 3.90 26.30
C CYS A 91 -9.35 5.30 25.81
N LYS A 92 -10.58 5.57 25.38
CA LYS A 92 -10.89 6.89 24.85
C LYS A 92 -10.80 7.94 25.97
N PRO A 93 -10.41 9.19 25.64
CA PRO A 93 -10.22 9.79 24.30
C PRO A 93 -8.95 9.38 23.53
N ARG A 94 -8.06 8.58 24.11
CA ARG A 94 -6.83 8.23 23.40
C ARG A 94 -7.08 7.16 22.36
N TYR A 95 -6.40 7.27 21.22
CA TYR A 95 -6.37 6.25 20.19
C TYR A 95 -4.96 5.70 20.05
N PRO A 96 -4.77 4.39 20.04
CA PRO A 96 -3.42 3.84 20.06
C PRO A 96 -2.82 3.84 18.66
N PRO A 97 -1.50 3.75 18.54
CA PRO A 97 -0.89 3.70 17.21
C PRO A 97 -1.40 2.51 16.41
N ASP A 98 -1.33 2.65 15.08
CA ASP A 98 -1.83 1.60 14.19
C ASP A 98 -1.18 0.26 14.49
N SER A 99 0.13 0.27 14.76
CA SER A 99 0.83 -0.98 15.06
C SER A 99 0.31 -1.64 16.33
N VAL A 100 -0.11 -0.84 17.30
CA VAL A 100 -0.64 -1.43 18.53
C VAL A 100 -2.02 -2.02 18.29
N ARG A 101 -2.89 -1.29 17.57
CA ARG A 101 -4.18 -1.84 17.23
C ARG A 101 -4.04 -3.09 16.36
N LEU A 102 -3.04 -3.09 15.48
CA LEU A 102 -2.82 -4.26 14.62
C LEU A 102 -2.41 -5.47 15.45
N LEU A 103 -1.47 -5.29 16.40
CA LEU A 103 -1.00 -6.43 17.18
C LEU A 103 -2.08 -6.95 18.13
N GLY A 104 -2.92 -6.05 18.66
CA GLY A 104 -4.09 -6.50 19.38
C GLY A 104 -4.94 -7.48 18.60
N ARG A 105 -5.16 -7.19 17.30
CA ARG A 105 -5.94 -8.07 16.45
C ARG A 105 -5.22 -9.38 16.16
N VAL A 106 -3.90 -9.33 16.02
CA VAL A 106 -3.10 -10.57 15.92
C VAL A 106 -3.33 -11.44 17.14
N VAL A 107 -3.13 -10.87 18.33
CA VAL A 107 -3.21 -11.65 19.57
C VAL A 107 -4.59 -12.27 19.71
N PHE A 108 -5.63 -11.51 19.37
CA PHE A 108 -7.00 -12.02 19.50
C PHE A 108 -7.28 -13.08 18.45
N LYS A 109 -6.76 -12.91 17.22
CA LYS A 109 -6.94 -13.93 16.20
C LYS A 109 -6.21 -15.22 16.57
N LEU A 110 -5.01 -15.11 17.12
CA LEU A 110 -4.28 -16.32 17.52
C LEU A 110 -4.89 -16.96 18.76
N MET A 111 -5.42 -16.15 19.68
CA MET A 111 -6.02 -16.68 20.89
C MET A 111 -7.37 -17.32 20.62
N ASP A 112 -8.21 -16.67 19.80
CA ASP A 112 -9.62 -17.04 19.68
C ASP A 112 -10.06 -17.55 18.32
N GLY A 113 -9.24 -17.39 17.28
CA GLY A 113 -9.64 -17.77 15.94
C GLY A 113 -9.10 -19.12 15.51
N ALA A 114 -9.83 -19.75 14.59
CA ALA A 114 -9.33 -20.97 13.98
C ALA A 114 -8.02 -20.67 13.25
N PRO A 115 -7.19 -21.68 13.00
CA PRO A 115 -5.96 -21.46 12.23
C PRO A 115 -6.26 -20.75 10.93
N SER A 116 -5.50 -19.69 10.66
CA SER A 116 -5.73 -18.81 9.52
C SER A 116 -5.02 -19.32 8.28
N GLU A 117 -5.73 -19.29 7.15
CA GLU A 117 -5.12 -19.67 5.88
C GLU A 117 -4.02 -18.72 5.45
N SER A 118 -4.04 -17.47 5.93
CA SER A 118 -2.95 -16.56 5.61
C SER A 118 -1.60 -17.09 6.07
N GLU A 119 -1.58 -18.06 6.99
CA GLU A 119 -0.34 -18.62 7.51
C GLU A 119 0.02 -19.95 6.87
N LYS A 120 -0.59 -20.26 5.72
CA LYS A 120 -0.37 -21.54 5.04
C LYS A 120 1.12 -21.83 4.86
N LEU A 121 1.87 -20.88 4.29
CA LEU A 121 3.27 -21.11 3.99
C LEU A 121 4.21 -20.68 5.10
N TYR A 122 3.76 -19.79 5.99
CA TYR A 122 4.62 -19.08 6.93
C TYR A 122 3.69 -18.48 7.98
N SER A 123 4.01 -18.63 9.25
CA SER A 123 3.14 -18.15 10.31
C SER A 123 3.73 -16.92 10.98
N PHE A 124 2.90 -16.23 11.76
CA PHE A 124 3.38 -15.11 12.56
C PHE A 124 4.54 -15.54 13.47
N TYR A 125 4.50 -16.77 13.98
CA TYR A 125 5.60 -17.28 14.80
C TYR A 125 6.91 -17.33 14.02
N ASP A 126 6.83 -17.52 12.70
CA ASP A 126 8.01 -17.68 11.85
C ASP A 126 8.66 -16.35 11.44
N LEU A 127 7.97 -15.25 11.59
CA LEU A 127 8.36 -14.02 10.90
C LEU A 127 9.73 -13.52 11.37
N GLU A 128 10.44 -12.87 10.46
CA GLU A 128 11.72 -12.25 10.79
C GLU A 128 11.54 -11.10 11.79
N SER A 129 12.41 -11.06 12.80
CA SER A 129 12.38 -9.98 13.77
C SER A 129 13.55 -9.02 13.63
N ASN A 130 14.70 -9.47 13.13
CA ASN A 130 15.91 -8.66 12.98
C ASN A 130 16.43 -8.11 14.30
N ILE A 131 16.11 -8.78 15.41
CA ILE A 131 16.43 -8.22 16.72
C ILE A 131 17.92 -7.99 16.91
N ASN A 132 18.77 -8.88 16.36
CA ASN A 132 20.20 -8.65 16.53
C ASN A 132 20.75 -7.57 15.60
N LYS A 133 19.91 -6.92 14.80
CA LYS A 133 20.34 -5.79 13.99
C LYS A 133 19.72 -4.47 14.43
N LEU A 134 18.72 -4.50 15.30
CA LEU A 134 18.06 -3.26 15.71
C LEU A 134 19.05 -2.35 16.43
N THR A 135 19.01 -1.07 16.09
CA THR A 135 19.76 -0.08 16.83
C THR A 135 19.16 0.10 18.22
N GLU A 136 19.95 0.71 19.11
CA GLU A 136 19.44 1.03 20.43
C GLU A 136 18.23 1.96 20.34
N ASP A 137 18.22 2.84 19.34
CA ASP A 137 17.09 3.74 19.15
C ASP A 137 15.82 2.98 18.81
N ARG A 138 15.92 2.03 17.87
CA ARG A 138 14.77 1.22 17.52
C ARG A 138 14.25 0.43 18.72
N LYS A 139 15.16 -0.19 19.47
CA LYS A 139 14.75 -1.02 20.61
C LYS A 139 14.00 -0.21 21.65
N GLU A 140 14.47 1.02 21.91
CA GLU A 140 13.75 1.90 22.82
C GLU A 140 12.34 2.17 22.30
N GLY A 141 12.20 2.44 21.00
CA GLY A 141 10.88 2.63 20.43
C GLY A 141 10.01 1.39 20.59
N LEU A 142 10.60 0.21 20.41
CA LEU A 142 9.86 -1.02 20.59
C LEU A 142 9.40 -1.19 22.04
N ARG A 143 10.24 -0.79 23.00
CA ARG A 143 9.83 -0.89 24.39
C ARG A 143 8.66 0.03 24.70
N GLN A 144 8.60 1.19 24.05
CA GLN A 144 7.47 2.08 24.25
C GLN A 144 6.19 1.48 23.68
N LEU A 145 6.29 0.78 22.55
CA LEU A 145 5.12 0.15 21.96
C LEU A 145 4.59 -0.96 22.85
N VAL A 146 5.49 -1.73 23.48
CA VAL A 146 5.06 -2.81 24.37
C VAL A 146 4.22 -2.23 25.51
N MET A 147 4.69 -1.14 26.12
CA MET A 147 3.97 -0.57 27.24
C MET A 147 2.66 0.05 26.81
N THR A 148 2.65 0.67 25.62
CA THR A 148 1.41 1.16 25.03
C THR A 148 0.44 -0.01 24.79
N PHE A 149 0.95 -1.15 24.33
CA PHE A 149 0.11 -2.32 24.17
C PHE A 149 -0.44 -2.80 25.51
N GLN A 150 0.43 -2.93 26.52
CA GLN A 150 -0.03 -3.37 27.83
C GLN A 150 -1.09 -2.44 28.38
N HIS A 151 -0.97 -1.14 28.13
CA HIS A 151 -1.97 -0.19 28.59
C HIS A 151 -3.28 -0.37 27.83
N PHE A 152 -3.22 -0.29 26.50
CA PHE A 152 -4.43 -0.34 25.68
C PHE A 152 -5.20 -1.65 25.89
N MET A 153 -4.51 -2.74 26.19
CA MET A 153 -5.14 -4.06 26.23
C MET A 153 -5.43 -4.55 27.65
N ARG A 154 -5.29 -3.70 28.67
CA ARG A 154 -5.43 -4.18 30.05
C ARG A 154 -6.82 -4.72 30.33
N GLU A 155 -7.85 -4.16 29.69
CA GLU A 155 -9.22 -4.64 29.93
C GLU A 155 -9.43 -6.05 29.40
N GLU A 156 -8.62 -6.52 28.46
CA GLU A 156 -8.79 -7.83 27.88
C GLU A 156 -7.61 -8.76 28.11
N ILE A 157 -6.39 -8.24 28.26
CA ILE A 157 -5.21 -9.06 28.49
C ILE A 157 -4.48 -8.52 29.70
N GLN A 158 -4.51 -9.27 30.79
CA GLN A 158 -3.86 -8.88 32.05
C GLN A 158 -2.52 -9.57 32.25
N ASP A 159 -2.41 -10.86 31.95
CA ASP A 159 -1.16 -11.59 32.14
C ASP A 159 -0.95 -12.55 30.97
N ALA A 160 0.22 -13.21 30.99
CA ALA A 160 0.66 -14.02 29.86
C ALA A 160 -0.26 -15.20 29.58
N SER A 161 -1.12 -15.58 30.53
CA SER A 161 -2.05 -16.67 30.28
C SER A 161 -3.06 -16.31 29.20
N GLN A 162 -3.18 -15.03 28.84
CA GLN A 162 -4.07 -14.59 27.78
C GLN A 162 -3.33 -14.21 26.51
N LEU A 163 -2.04 -14.49 26.44
CA LEU A 163 -1.25 -14.40 25.23
C LEU A 163 -0.90 -15.80 24.74
N PRO A 164 -0.61 -15.97 23.45
CA PRO A 164 -0.19 -17.29 22.97
C PRO A 164 0.99 -17.82 23.76
N PRO A 165 1.22 -19.13 23.75
CA PRO A 165 2.31 -19.69 24.57
C PRO A 165 3.66 -19.14 24.12
N ALA A 166 4.43 -18.65 25.10
CA ALA A 166 5.75 -18.07 24.88
C ALA A 166 5.71 -16.91 23.87
N PHE A 167 4.63 -16.15 23.92
CA PHE A 167 4.45 -14.98 23.06
C PHE A 167 5.15 -13.78 23.70
N ASP A 168 6.12 -13.20 23.01
CA ASP A 168 6.90 -12.10 23.56
C ASP A 168 6.52 -10.81 22.85
N LEU A 169 6.05 -9.83 23.62
CA LEU A 169 5.52 -8.60 23.04
C LEU A 169 6.60 -7.84 22.29
N PHE A 170 7.82 -7.82 22.82
CA PHE A 170 8.93 -7.11 22.19
C PHE A 170 9.26 -7.73 20.83
N GLU A 171 9.42 -9.05 20.78
CA GLU A 171 9.66 -9.70 19.50
CA GLU A 171 9.66 -9.72 19.50
C GLU A 171 8.48 -9.51 18.56
N ALA A 172 7.26 -9.50 19.09
CA ALA A 172 6.06 -9.33 18.27
C ALA A 172 6.08 -7.98 17.55
N PHE A 173 6.37 -6.90 18.28
CA PHE A 173 6.44 -5.60 17.61
C PHE A 173 7.63 -5.52 16.66
N ALA A 174 8.74 -6.20 16.98
CA ALA A 174 9.84 -6.22 16.03
C ALA A 174 9.41 -6.85 14.70
N LYS A 175 8.58 -7.89 14.76
CA LYS A 175 8.10 -8.52 13.54
C LYS A 175 7.16 -7.60 12.78
N VAL A 176 6.28 -6.90 13.50
CA VAL A 176 5.36 -5.96 12.85
C VAL A 176 6.13 -4.92 12.05
N ILE A 177 7.27 -4.46 12.58
CA ILE A 177 8.03 -3.40 11.93
C ILE A 177 8.44 -3.81 10.52
N CYS A 178 8.97 -5.02 10.35
CA CYS A 178 9.52 -5.37 9.04
C CYS A 178 8.62 -6.31 8.24
N ASN A 179 7.38 -6.55 8.68
CA ASN A 179 6.48 -7.44 7.96
C ASN A 179 5.09 -6.84 7.74
N SER A 180 4.93 -5.54 7.91
CA SER A 180 3.63 -4.90 7.77
C SER A 180 3.39 -4.54 6.31
N PHE A 181 2.19 -4.82 5.82
CA PHE A 181 1.81 -4.44 4.46
C PHE A 181 0.90 -3.24 4.50
N THR A 182 1.19 -2.26 3.67
CA THR A 182 0.30 -1.11 3.50
C THR A 182 -0.81 -1.46 2.51
N ILE A 183 -2.04 -1.45 2.98
CA ILE A 183 -3.19 -1.81 2.16
C ILE A 183 -3.69 -0.58 1.40
N CYS A 184 -3.72 -0.66 0.08
CA CYS A 184 -4.18 0.43 -0.77
C CYS A 184 -5.57 0.13 -1.33
N ASN A 185 -6.37 1.18 -1.51
CA ASN A 185 -7.67 0.99 -2.15
C ASN A 185 -7.48 0.93 -3.67
N ALA A 186 -8.61 0.82 -4.40
CA ALA A 186 -8.53 0.66 -5.86
C ALA A 186 -7.84 1.84 -6.53
N GLU A 187 -7.99 3.03 -5.97
CA GLU A 187 -7.36 4.25 -6.46
C GLU A 187 -5.92 4.40 -5.99
N MET A 188 -5.37 3.38 -5.33
CA MET A 188 -3.99 3.36 -4.86
C MET A 188 -3.75 4.34 -3.70
N GLN A 189 -4.80 4.66 -2.95
CA GLN A 189 -4.69 5.45 -1.75
C GLN A 189 -4.48 4.52 -0.57
N GLU A 190 -3.50 4.83 0.28
CA GLU A 190 -3.21 3.98 1.44
C GLU A 190 -4.34 4.07 2.45
N VAL A 191 -4.96 2.94 2.80
CA VAL A 191 -6.13 2.99 3.67
C VAL A 191 -6.04 2.05 4.86
N GLY A 192 -5.00 1.21 4.91
CA GLY A 192 -4.93 0.24 5.98
C GLY A 192 -3.55 -0.37 6.09
N VAL A 193 -3.40 -1.21 7.12
CA VAL A 193 -2.16 -1.95 7.34
C VAL A 193 -2.54 -3.34 7.84
N GLY A 194 -1.84 -4.35 7.36
CA GLY A 194 -2.18 -5.71 7.73
C GLY A 194 -0.95 -6.59 7.73
N LEU A 195 -1.12 -7.79 8.25
CA LEU A 195 -0.10 -8.82 8.21
C LEU A 195 -0.58 -9.97 7.34
N TYR A 196 0.31 -10.46 6.48
CA TYR A 196 0.01 -11.58 5.59
C TYR A 196 1.23 -12.49 5.64
N PRO A 197 1.30 -13.40 6.62
CA PRO A 197 2.59 -14.04 6.92
C PRO A 197 3.14 -14.87 5.78
N SER A 198 2.28 -15.50 4.98
CA SER A 198 2.76 -16.25 3.81
C SER A 198 3.43 -15.32 2.81
N ILE A 199 2.80 -14.16 2.55
CA ILE A 199 3.35 -13.19 1.60
C ILE A 199 4.65 -12.62 2.11
N SER A 200 4.86 -12.61 3.43
CA SER A 200 6.08 -12.07 4.04
C SER A 200 7.30 -12.93 3.78
N LEU A 201 7.15 -14.06 3.09
CA LEU A 201 8.33 -14.78 2.64
C LEU A 201 9.03 -14.04 1.50
N LEU A 202 8.35 -13.13 0.81
CA LEU A 202 8.94 -12.48 -0.35
C LEU A 202 10.03 -11.49 0.06
N ASN A 203 11.24 -11.71 -0.45
CA ASN A 203 12.29 -10.74 -0.24
C ASN A 203 12.13 -9.58 -1.21
N HIS A 204 12.90 -8.53 -0.98
CA HIS A 204 12.76 -7.27 -1.71
C HIS A 204 13.72 -7.19 -2.89
N SER A 205 13.28 -6.45 -3.91
CA SER A 205 14.10 -6.02 -5.03
C SER A 205 13.61 -4.66 -5.51
N CYS A 206 14.54 -3.76 -5.79
CA CYS A 206 14.15 -2.54 -6.47
C CYS A 206 13.83 -2.77 -7.96
N ASP A 207 13.97 -4.00 -8.45
CA ASP A 207 13.56 -4.38 -9.80
C ASP A 207 12.89 -5.75 -9.72
N PRO A 208 11.67 -5.81 -9.19
CA PRO A 208 11.12 -7.10 -8.77
C PRO A 208 10.52 -7.87 -9.93
N ASN A 209 10.39 -9.19 -9.74
CA ASN A 209 9.70 -10.01 -10.73
C ASN A 209 8.25 -10.30 -10.36
N CYS A 210 7.80 -9.97 -9.15
CA CYS A 210 6.40 -10.10 -8.77
C CYS A 210 5.87 -8.78 -8.26
N SER A 211 4.55 -8.72 -8.10
CA SER A 211 3.89 -7.53 -7.58
C SER A 211 2.65 -7.97 -6.81
N ILE A 212 2.32 -7.23 -5.76
CA ILE A 212 1.08 -7.48 -5.02
C ILE A 212 0.09 -6.37 -5.32
N VAL A 213 -1.19 -6.69 -5.19
CA VAL A 213 -2.24 -5.69 -5.33
C VAL A 213 -3.35 -6.06 -4.36
N PHE A 214 -4.05 -5.04 -3.87
CA PHE A 214 -5.10 -5.21 -2.88
C PHE A 214 -6.45 -4.95 -3.52
N ASN A 215 -7.42 -5.80 -3.19
CA ASN A 215 -8.82 -5.64 -3.56
C ASN A 215 -9.58 -5.68 -2.22
N GLY A 216 -9.85 -4.52 -1.64
CA GLY A 216 -10.19 -4.47 -0.24
C GLY A 216 -9.03 -5.01 0.59
N PRO A 217 -9.32 -5.73 1.68
CA PRO A 217 -8.23 -6.35 2.46
C PRO A 217 -7.60 -7.54 1.77
N HIS A 218 -8.19 -8.03 0.69
CA HIS A 218 -7.71 -9.22 0.02
C HIS A 218 -6.52 -8.91 -0.86
N LEU A 219 -5.53 -9.80 -0.85
CA LEU A 219 -4.25 -9.56 -1.50
C LEU A 219 -4.07 -10.56 -2.62
N LEU A 220 -3.70 -10.08 -3.79
CA LEU A 220 -3.28 -10.92 -4.90
C LEU A 220 -1.78 -10.75 -5.13
N LEU A 221 -1.09 -11.87 -5.31
CA LEU A 221 0.32 -11.89 -5.68
C LEU A 221 0.44 -12.40 -7.11
N ARG A 222 1.03 -11.60 -8.00
CA ARG A 222 1.14 -11.95 -9.41
C ARG A 222 2.59 -11.81 -9.90
N ALA A 223 2.96 -12.66 -10.86
CA ALA A 223 4.22 -12.44 -11.57
C ALA A 223 4.03 -11.30 -12.55
N VAL A 224 5.05 -10.44 -12.67
CA VAL A 224 4.96 -9.35 -13.64
C VAL A 224 6.06 -9.43 -14.68
N ARG A 225 6.77 -10.55 -14.74
CA ARG A 225 7.64 -10.84 -15.86
C ARG A 225 7.87 -12.35 -15.88
N ASP A 226 8.60 -12.81 -16.89
CA ASP A 226 8.92 -14.23 -17.00
C ASP A 226 9.91 -14.61 -15.90
N ILE A 227 9.64 -15.75 -15.26
CA ILE A 227 10.41 -16.23 -14.11
C ILE A 227 10.82 -17.68 -14.38
N GLU A 228 12.10 -17.98 -14.19
CA GLU A 228 12.61 -19.32 -14.45
C GLU A 228 12.36 -20.24 -13.26
N VAL A 229 12.44 -21.55 -13.53
CA VAL A 229 12.30 -22.54 -12.47
C VAL A 229 13.39 -22.33 -11.42
N GLY A 230 13.00 -22.32 -10.16
CA GLY A 230 13.95 -22.13 -9.07
C GLY A 230 14.39 -20.69 -8.83
N GLU A 231 13.88 -19.74 -9.60
CA GLU A 231 14.22 -18.33 -9.42
C GLU A 231 13.51 -17.79 -8.20
N GLU A 232 14.23 -17.00 -7.40
CA GLU A 232 13.59 -16.38 -6.24
C GLU A 232 12.58 -15.33 -6.70
N LEU A 233 11.42 -15.33 -6.03
CA LEU A 233 10.40 -14.33 -6.26
C LEU A 233 10.62 -13.13 -5.35
N THR A 234 10.47 -11.94 -5.93
CA THR A 234 10.73 -10.71 -5.19
C THR A 234 9.61 -9.72 -5.47
N ILE A 235 9.39 -8.82 -4.52
CA ILE A 235 8.51 -7.68 -4.71
C ILE A 235 9.29 -6.45 -4.27
N CYS A 236 8.82 -5.28 -4.68
CA CYS A 236 9.42 -4.04 -4.23
C CYS A 236 8.68 -3.58 -2.99
N TYR A 237 9.40 -3.47 -1.86
CA TYR A 237 8.80 -2.99 -0.62
C TYR A 237 8.49 -1.50 -0.67
N LEU A 238 9.10 -0.77 -1.58
CA LEU A 238 9.11 0.69 -1.55
C LEU A 238 8.41 1.31 -2.76
N ASP A 239 7.92 2.53 -2.54
CA ASP A 239 7.46 3.41 -3.60
C ASP A 239 8.56 3.56 -4.65
N MET A 240 8.14 3.57 -5.93
CA MET A 240 9.10 3.70 -7.02
C MET A 240 9.72 5.08 -7.12
N LEU A 241 9.07 6.12 -6.60
CA LEU A 241 9.59 7.47 -6.78
C LEU A 241 10.50 7.83 -5.61
N MET A 242 11.67 7.18 -5.61
CA MET A 242 12.68 7.33 -4.56
C MET A 242 14.04 7.13 -5.19
N THR A 243 15.00 7.97 -4.82
CA THR A 243 16.38 7.74 -5.23
C THR A 243 16.99 6.56 -4.48
N SER A 244 18.12 6.08 -4.99
CA SER A 244 18.84 4.99 -4.31
C SER A 244 19.23 5.36 -2.88
N GLU A 245 19.57 6.63 -2.65
CA GLU A 245 19.90 7.08 -1.30
C GLU A 245 18.70 6.98 -0.38
N GLU A 246 17.53 7.42 -0.84
CA GLU A 246 16.33 7.34 -0.02
C GLU A 246 15.94 5.90 0.25
N ARG A 247 16.13 5.03 -0.74
CA ARG A 247 15.80 3.62 -0.57
C ARG A 247 16.74 2.98 0.44
N ARG A 248 18.04 3.32 0.38
CA ARG A 248 19.00 2.80 1.34
C ARG A 248 18.58 3.14 2.77
N LYS A 249 18.20 4.40 3.02
CA LYS A 249 17.84 4.79 4.37
C LYS A 249 16.61 4.02 4.87
N GLN A 250 15.59 3.90 4.03
CA GLN A 250 14.37 3.22 4.49
C GLN A 250 14.61 1.72 4.63
N LEU A 251 15.36 1.12 3.71
CA LEU A 251 15.66 -0.31 3.83
C LEU A 251 16.49 -0.58 5.09
N ARG A 252 17.40 0.35 5.43
CA ARG A 252 18.17 0.19 6.66
C ARG A 252 17.28 0.37 7.88
N ASP A 253 16.51 1.46 7.92
CA ASP A 253 15.80 1.85 9.13
C ASP A 253 14.67 0.88 9.47
N GLN A 254 13.96 0.39 8.46
CA GLN A 254 12.78 -0.44 8.70
C GLN A 254 13.06 -1.92 8.54
N TYR A 255 13.98 -2.28 7.65
CA TYR A 255 14.16 -3.67 7.26
C TYR A 255 15.53 -4.22 7.61
N CYS A 256 16.43 -3.40 8.14
CA CYS A 256 17.77 -3.84 8.56
C CYS A 256 18.48 -4.63 7.47
N PHE A 257 18.54 -4.08 6.25
CA PHE A 257 19.44 -4.67 5.26
C PHE A 257 19.93 -3.61 4.28
N GLU A 258 21.03 -3.94 3.62
CA GLU A 258 21.66 -3.12 2.61
C GLU A 258 21.40 -3.78 1.27
N CYS A 259 20.80 -3.05 0.35
CA CYS A 259 20.38 -3.64 -0.91
C CYS A 259 21.56 -3.77 -1.86
N ASP A 260 21.80 -4.98 -2.36
CA ASP A 260 22.84 -5.23 -3.34
C ASP A 260 22.31 -5.30 -4.77
N CYS A 261 21.05 -4.94 -5.00
CA CYS A 261 20.47 -5.11 -6.33
C CYS A 261 21.13 -4.17 -7.35
N PHE A 262 20.95 -4.52 -8.62
CA PHE A 262 21.71 -3.86 -9.68
C PHE A 262 21.33 -2.39 -9.83
N ARG A 263 20.07 -2.04 -9.59
CA ARG A 263 19.67 -0.63 -9.62
C ARG A 263 20.41 0.17 -8.56
N CYS A 264 20.58 -0.40 -7.37
CA CYS A 264 21.27 0.32 -6.30
C CYS A 264 22.76 0.43 -6.57
N GLN A 265 23.35 -0.59 -7.21
CA GLN A 265 24.77 -0.53 -7.54
C GLN A 265 25.08 0.54 -8.59
N THR A 266 24.15 0.80 -9.50
CA THR A 266 24.36 1.77 -10.58
C THR A 266 23.67 3.12 -10.34
N GLN A 267 22.96 3.28 -9.22
CA GLN A 267 22.16 4.49 -8.99
C GLN A 267 21.21 4.74 -10.15
N ASP A 268 20.61 3.66 -10.64
CA ASP A 268 19.72 3.71 -11.80
C ASP A 268 18.58 4.72 -11.60
N LYS A 269 18.51 5.70 -12.50
CA LYS A 269 17.51 6.77 -12.60
C LYS A 269 17.68 7.89 -11.59
N ASP A 270 18.66 7.82 -10.68
CA ASP A 270 18.83 8.87 -9.67
C ASP A 270 18.99 10.25 -10.32
N ALA A 271 19.81 10.36 -11.36
CA ALA A 271 20.12 11.69 -11.91
C ALA A 271 18.88 12.34 -12.52
N ASP A 272 18.12 11.58 -13.32
CA ASP A 272 16.91 12.13 -13.92
C ASP A 272 15.84 12.46 -12.88
N MET A 273 15.77 11.68 -11.78
CA MET A 273 14.82 11.96 -10.71
C MET A 273 15.06 13.31 -10.05
N LEU A 274 16.31 13.81 -10.08
CA LEU A 274 16.68 14.99 -9.30
C LEU A 274 17.01 16.19 -10.18
N THR A 275 16.46 16.23 -11.40
CA THR A 275 16.70 17.35 -12.29
C THR A 275 15.93 18.59 -11.84
N GLY A 276 16.38 19.74 -12.31
CA GLY A 276 15.86 20.99 -11.80
C GLY A 276 16.80 21.59 -10.78
N ASP A 277 16.40 22.76 -10.28
CA ASP A 277 17.21 23.48 -9.32
C ASP A 277 17.10 22.83 -7.94
N GLU A 278 18.26 22.48 -7.35
CA GLU A 278 18.26 21.77 -6.08
C GLU A 278 17.50 22.55 -5.01
N GLN A 279 17.72 23.86 -4.93
CA GLN A 279 17.06 24.66 -3.91
C GLN A 279 15.54 24.59 -4.07
N VAL A 280 15.04 24.56 -5.30
CA VAL A 280 13.60 24.47 -5.51
C VAL A 280 13.08 23.10 -5.06
N TRP A 281 13.73 22.01 -5.49
CA TRP A 281 13.13 20.74 -5.12
C TRP A 281 13.38 20.35 -3.66
N LYS A 282 14.38 20.93 -2.98
CA LYS A 282 14.47 20.75 -1.53
C LYS A 282 13.23 21.32 -0.84
N GLU A 283 12.76 22.50 -1.28
CA GLU A 283 11.58 23.12 -0.68
C GLU A 283 10.32 22.32 -0.98
N VAL A 284 10.17 21.84 -2.22
CA VAL A 284 9.02 21.01 -2.54
C VAL A 284 9.04 19.73 -1.71
N GLN A 285 10.21 19.11 -1.56
CA GLN A 285 10.31 17.90 -0.75
C GLN A 285 9.88 18.17 0.69
N GLU A 286 10.18 19.36 1.20
CA GLU A 286 9.70 19.74 2.52
C GLU A 286 8.18 19.90 2.53
N SER A 287 7.64 20.70 1.61
CA SER A 287 6.19 20.91 1.54
C SER A 287 5.43 19.61 1.35
N LEU A 288 6.04 18.62 0.71
CA LEU A 288 5.36 17.35 0.48
C LEU A 288 5.05 16.61 1.79
N LYS A 289 5.87 16.82 2.83
CA LYS A 289 5.60 16.22 4.13
C LYS A 289 4.20 16.57 4.60
N LYS A 290 3.82 17.85 4.51
CA LYS A 290 2.48 18.26 4.89
C LYS A 290 1.44 17.84 3.86
N ILE A 291 1.76 17.96 2.57
CA ILE A 291 0.79 17.61 1.52
C ILE A 291 0.37 16.14 1.67
N GLU A 292 1.35 15.25 1.86
CA GLU A 292 1.01 13.83 1.99
C GLU A 292 0.26 13.55 3.28
N GLU A 293 0.57 14.29 4.35
CA GLU A 293 -0.19 14.17 5.59
C GLU A 293 -1.66 14.57 5.38
N LEU A 294 -1.89 15.70 4.70
CA LEU A 294 -3.25 16.10 4.37
C LEU A 294 -3.94 15.06 3.50
N LYS A 295 -3.21 14.52 2.52
CA LYS A 295 -3.81 13.52 1.65
C LYS A 295 -4.18 12.27 2.43
N ALA A 296 -3.34 11.85 3.39
CA ALA A 296 -3.64 10.68 4.18
C ALA A 296 -4.90 10.85 5.00
N HIS A 297 -5.29 12.10 5.29
CA HIS A 297 -6.53 12.41 5.97
C HIS A 297 -7.62 12.86 5.02
N TRP A 298 -7.42 12.66 3.71
CA TRP A 298 -8.44 12.94 2.70
C TRP A 298 -8.88 14.42 2.70
N LYS A 299 -8.00 15.33 3.09
CA LYS A 299 -8.35 16.75 3.13
C LYS A 299 -8.00 17.37 1.78
N TRP A 300 -8.86 17.08 0.79
CA TRP A 300 -8.53 17.33 -0.61
C TRP A 300 -8.45 18.82 -0.93
N GLU A 301 -9.34 19.64 -0.36
CA GLU A 301 -9.27 21.08 -0.64
C GLU A 301 -7.92 21.65 -0.22
N GLN A 302 -7.40 21.23 0.95
CA GLN A 302 -6.11 21.74 1.41
C GLN A 302 -4.95 21.15 0.62
N VAL A 303 -5.02 19.85 0.28
CA VAL A 303 -4.04 19.27 -0.64
C VAL A 303 -3.94 20.12 -1.91
N LEU A 304 -5.09 20.41 -2.52
CA LEU A 304 -5.10 21.07 -3.83
C LEU A 304 -4.50 22.47 -3.74
N ALA A 305 -4.86 23.24 -2.71
CA ALA A 305 -4.34 24.60 -2.57
C ALA A 305 -2.83 24.59 -2.43
N MET A 306 -2.30 23.67 -1.63
CA MET A 306 -0.85 23.59 -1.45
C MET A 306 -0.16 23.15 -2.74
N CYS A 307 -0.78 22.24 -3.49
CA CYS A 307 -0.18 21.80 -4.75
C CYS A 307 -0.20 22.91 -5.80
N GLN A 308 -1.30 23.66 -5.88
CA GLN A 308 -1.38 24.73 -6.88
C GLN A 308 -0.32 25.79 -6.64
N ALA A 309 -0.03 26.09 -5.38
CA ALA A 309 1.00 27.06 -5.03
C ALA A 309 2.37 26.66 -5.55
N ILE A 310 2.58 25.37 -5.81
CA ILE A 310 3.85 24.86 -6.33
C ILE A 310 3.79 24.72 -7.84
N ILE A 311 2.75 24.06 -8.34
CA ILE A 311 2.63 23.82 -9.78
C ILE A 311 2.58 25.14 -10.55
N SER A 312 1.83 26.11 -10.04
CA SER A 312 1.72 27.42 -10.66
C SER A 312 2.37 28.51 -9.81
N SER A 313 3.53 28.22 -9.24
CA SER A 313 4.22 29.21 -8.42
C SER A 313 4.64 30.40 -9.26
N ASN A 314 4.74 31.56 -8.61
CA ASN A 314 5.39 32.70 -9.22
C ASN A 314 6.91 32.58 -9.21
N SER A 315 7.46 31.72 -8.36
CA SER A 315 8.90 31.51 -8.29
C SER A 315 9.28 30.34 -9.18
N GLU A 316 10.56 29.96 -9.14
CA GLU A 316 11.12 28.96 -10.04
C GLU A 316 10.38 27.63 -9.93
N ARG A 317 10.27 26.94 -11.06
CA ARG A 317 9.52 25.70 -11.17
C ARG A 317 10.45 24.54 -11.56
N LEU A 318 9.91 23.32 -11.40
CA LEU A 318 10.64 22.09 -11.59
C LEU A 318 10.16 21.35 -12.84
N PRO A 319 11.03 20.59 -13.50
CA PRO A 319 10.55 19.71 -14.57
C PRO A 319 9.67 18.62 -13.99
N ASP A 320 8.73 18.15 -14.82
CA ASP A 320 7.79 17.14 -14.34
C ASP A 320 8.45 15.80 -14.08
N ILE A 321 9.66 15.54 -14.59
CA ILE A 321 10.34 14.30 -14.23
C ILE A 321 11.04 14.36 -12.89
N ASN A 322 11.14 15.54 -12.27
CA ASN A 322 11.62 15.60 -10.90
C ASN A 322 10.61 14.91 -10.00
N ILE A 323 11.08 13.96 -9.18
CA ILE A 323 10.17 13.07 -8.47
C ILE A 323 9.31 13.84 -7.48
N TYR A 324 9.82 14.95 -6.97
CA TYR A 324 9.05 15.69 -5.98
C TYR A 324 7.99 16.53 -6.67
N GLN A 325 8.34 17.15 -7.82
CA GLN A 325 7.32 17.76 -8.66
C GLN A 325 6.29 16.73 -9.13
N LEU A 326 6.75 15.53 -9.48
CA LEU A 326 5.84 14.50 -9.96
C LEU A 326 4.86 14.05 -8.89
N LYS A 327 5.31 13.96 -7.63
CA LYS A 327 4.41 13.61 -6.54
C LYS A 327 3.39 14.71 -6.30
N VAL A 328 3.81 15.97 -6.48
CA VAL A 328 2.88 17.08 -6.31
C VAL A 328 1.81 17.05 -7.41
N LEU A 329 2.21 16.77 -8.65
CA LEU A 329 1.24 16.66 -9.73
C LEU A 329 0.23 15.56 -9.44
N ASP A 330 0.69 14.45 -8.85
CA ASP A 330 -0.21 13.32 -8.59
C ASP A 330 -1.18 13.62 -7.47
N CYS A 331 -0.68 14.23 -6.39
CA CYS A 331 -1.58 14.64 -5.32
C CYS A 331 -2.61 15.64 -5.84
N ALA A 332 -2.19 16.60 -6.67
CA ALA A 332 -3.14 17.58 -7.20
C ALA A 332 -4.17 16.92 -8.10
N MET A 333 -3.75 15.93 -8.90
CA MET A 333 -4.71 15.23 -9.75
C MET A 333 -5.75 14.49 -8.93
N ASP A 334 -5.31 13.78 -7.90
CA ASP A 334 -6.26 13.02 -7.07
C ASP A 334 -7.18 13.93 -6.29
N ALA A 335 -6.68 15.09 -5.85
CA ALA A 335 -7.54 16.03 -5.17
C ALA A 335 -8.61 16.58 -6.11
N CYS A 336 -8.22 16.94 -7.33
CA CYS A 336 -9.19 17.41 -8.32
C CYS A 336 -10.24 16.34 -8.63
N ILE A 337 -9.82 15.09 -8.81
CA ILE A 337 -10.79 14.03 -9.08
C ILE A 337 -11.79 13.92 -7.93
N ASN A 338 -11.29 13.92 -6.69
CA ASN A 338 -12.16 13.75 -5.54
C ASN A 338 -13.06 14.96 -5.34
N LEU A 339 -12.62 16.14 -5.77
CA LEU A 339 -13.42 17.36 -5.71
C LEU A 339 -14.28 17.58 -6.95
N GLY A 340 -14.25 16.66 -7.92
CA GLY A 340 -15.03 16.82 -9.13
C GLY A 340 -14.49 17.87 -10.10
N LEU A 341 -13.23 18.28 -9.96
CA LEU A 341 -12.63 19.24 -10.88
C LEU A 341 -11.93 18.49 -11.99
N LEU A 342 -12.71 18.01 -12.95
CA LEU A 342 -12.18 17.03 -13.90
C LEU A 342 -11.27 17.66 -14.94
N GLU A 343 -11.53 18.89 -15.37
CA GLU A 343 -10.66 19.54 -16.34
C GLU A 343 -9.27 19.75 -15.77
N GLU A 344 -9.20 20.20 -14.52
CA GLU A 344 -7.91 20.41 -13.89
C GLU A 344 -7.21 19.09 -13.61
N ALA A 345 -7.96 18.06 -13.21
CA ALA A 345 -7.37 16.75 -12.94
C ALA A 345 -6.68 16.21 -14.17
N LEU A 346 -7.33 16.33 -15.32
CA LEU A 346 -6.76 15.84 -16.57
C LEU A 346 -5.48 16.59 -16.94
N PHE A 347 -5.46 17.90 -16.75
CA PHE A 347 -4.25 18.67 -17.01
C PHE A 347 -3.09 18.14 -16.19
N TYR A 348 -3.30 17.99 -14.88
CA TYR A 348 -2.24 17.43 -14.05
C TYR A 348 -1.97 15.98 -14.42
N GLY A 349 -3.02 15.19 -14.62
CA GLY A 349 -2.84 13.79 -14.94
C GLY A 349 -2.03 13.57 -16.20
N THR A 350 -2.33 14.31 -17.27
CA THR A 350 -1.60 14.10 -18.52
CA THR A 350 -1.61 14.13 -18.52
CA THR A 350 -1.60 14.08 -18.51
C THR A 350 -0.12 14.44 -18.36
N ARG A 351 0.21 15.41 -17.52
CA ARG A 351 1.61 15.75 -17.33
C ARG A 351 2.38 14.64 -16.62
N THR A 352 1.71 13.83 -15.79
CA THR A 352 2.38 12.72 -15.12
C THR A 352 2.66 11.54 -16.05
N MET A 353 2.07 11.49 -17.24
CA MET A 353 2.06 10.24 -18.00
C MET A 353 3.45 9.85 -18.48
N GLU A 354 4.22 10.78 -19.03
CA GLU A 354 5.51 10.34 -19.56
C GLU A 354 6.48 10.05 -18.41
N PRO A 355 6.50 10.86 -17.33
CA PRO A 355 7.36 10.45 -16.21
C PRO A 355 6.95 9.11 -15.60
N TYR A 356 5.66 8.79 -15.54
CA TYR A 356 5.28 7.47 -15.00
C TYR A 356 5.78 6.35 -15.89
N ARG A 357 5.83 6.56 -17.21
CA ARG A 357 6.37 5.54 -18.09
C ARG A 357 7.83 5.25 -17.76
N ILE A 358 8.61 6.31 -17.48
CA ILE A 358 10.02 6.14 -17.18
C ILE A 358 10.19 5.42 -15.84
N PHE A 359 9.48 5.87 -14.81
CA PHE A 359 9.79 5.47 -13.44
C PHE A 359 9.05 4.22 -12.99
N PHE A 360 8.08 3.75 -13.76
CA PHE A 360 7.35 2.52 -13.44
C PHE A 360 7.48 1.55 -14.60
N PRO A 361 8.68 1.00 -14.82
CA PRO A 361 8.92 0.21 -16.04
C PRO A 361 8.17 -1.11 -16.02
N GLY A 362 7.91 -1.64 -17.22
CA GLY A 362 7.25 -2.93 -17.32
C GLY A 362 5.79 -2.82 -16.93
N SER A 363 5.32 -3.79 -16.14
CA SER A 363 3.95 -3.77 -15.63
C SER A 363 3.96 -3.48 -14.14
N HIS A 364 3.56 -2.25 -13.77
CA HIS A 364 3.44 -1.87 -12.38
C HIS A 364 2.01 -1.42 -12.09
N PRO A 365 1.36 -1.98 -11.06
CA PRO A 365 -0.04 -1.63 -10.81
C PRO A 365 -0.29 -0.14 -10.62
N VAL A 366 0.67 0.60 -10.09
CA VAL A 366 0.45 2.03 -9.85
C VAL A 366 0.36 2.77 -11.17
N ARG A 367 1.22 2.44 -12.14
CA ARG A 367 1.10 3.05 -13.46
C ARG A 367 -0.18 2.61 -14.16
N GLY A 368 -0.56 1.35 -14.02
CA GLY A 368 -1.81 0.89 -14.59
C GLY A 368 -3.00 1.70 -14.10
N VAL A 369 -3.03 1.99 -12.80
CA VAL A 369 -4.13 2.76 -12.25
C VAL A 369 -4.05 4.21 -12.70
N GLN A 370 -2.85 4.80 -12.72
CA GLN A 370 -2.72 6.18 -13.16
C GLN A 370 -3.20 6.35 -14.60
N VAL A 371 -2.83 5.42 -15.47
CA VAL A 371 -3.25 5.51 -16.87
C VAL A 371 -4.76 5.36 -16.99
N MET A 372 -5.35 4.45 -16.22
CA MET A 372 -6.80 4.27 -16.25
C MET A 372 -7.53 5.53 -15.79
N LYS A 373 -6.97 6.23 -14.79
CA LYS A 373 -7.59 7.48 -14.34
C LYS A 373 -7.57 8.53 -15.45
N VAL A 374 -6.43 8.69 -16.12
CA VAL A 374 -6.35 9.68 -17.20
C VAL A 374 -7.30 9.30 -18.33
N GLY A 375 -7.33 8.01 -18.69
CA GLY A 375 -8.29 7.55 -19.68
C GLY A 375 -9.73 7.82 -19.28
N LYS A 376 -10.07 7.57 -18.03
CA LYS A 376 -11.43 7.79 -17.60
C LYS A 376 -11.79 9.27 -17.64
N LEU A 377 -10.86 10.13 -17.23
CA LEU A 377 -11.09 11.58 -17.33
C LEU A 377 -11.31 12.01 -18.77
N GLN A 378 -10.47 11.51 -19.69
CA GLN A 378 -10.64 11.85 -21.10
C GLN A 378 -11.99 11.34 -21.60
N LEU A 379 -12.40 10.16 -21.16
CA LEU A 379 -13.69 9.60 -21.56
C LEU A 379 -14.83 10.52 -21.12
N HIS A 380 -14.82 10.94 -19.85
CA HIS A 380 -15.90 11.79 -19.37
CA HIS A 380 -15.89 11.80 -19.35
C HIS A 380 -15.94 13.13 -20.10
N GLN A 381 -14.85 13.54 -20.73
CA GLN A 381 -14.83 14.80 -21.46
C GLN A 381 -14.95 14.62 -22.97
N GLY A 382 -15.33 13.42 -23.42
CA GLY A 382 -15.64 13.23 -24.83
C GLY A 382 -14.44 13.17 -25.75
N MET A 383 -13.24 12.98 -25.21
CA MET A 383 -12.05 12.79 -26.04
C MET A 383 -11.86 11.29 -26.26
N PHE A 384 -12.68 10.74 -27.16
CA PHE A 384 -12.79 9.28 -27.22
C PHE A 384 -11.53 8.60 -27.77
N PRO A 385 -10.94 9.02 -28.89
CA PRO A 385 -9.74 8.31 -29.37
C PRO A 385 -8.59 8.35 -28.39
N GLN A 386 -8.38 9.48 -27.71
CA GLN A 386 -7.33 9.57 -26.72
C GLN A 386 -7.68 8.72 -25.50
N ALA A 387 -8.93 8.73 -25.06
CA ALA A 387 -9.34 7.90 -23.93
C ALA A 387 -9.18 6.43 -24.26
N MET A 388 -9.58 6.03 -25.47
CA MET A 388 -9.45 4.63 -25.86
C MET A 388 -8.00 4.19 -25.80
N LYS A 389 -7.08 5.01 -26.32
CA LYS A 389 -5.67 4.66 -26.30
C LYS A 389 -5.17 4.44 -24.87
N ASN A 390 -5.58 5.29 -23.94
CA ASN A 390 -5.10 5.15 -22.57
C ASN A 390 -5.79 3.99 -21.85
N LEU A 391 -7.10 3.83 -22.08
CA LEU A 391 -7.80 2.70 -21.48
C LEU A 391 -7.21 1.37 -21.94
N ARG A 392 -6.76 1.28 -23.20
CA ARG A 392 -6.18 0.03 -23.67
C ARG A 392 -4.79 -0.19 -23.08
N LEU A 393 -4.01 0.88 -22.95
CA LEU A 393 -2.73 0.79 -22.27
C LEU A 393 -2.91 0.34 -20.82
N ALA A 394 -3.88 0.94 -20.12
CA ALA A 394 -4.18 0.52 -18.77
C ALA A 394 -4.50 -0.97 -18.73
N PHE A 395 -5.28 -1.46 -19.69
CA PHE A 395 -5.66 -2.87 -19.68
C PHE A 395 -4.46 -3.75 -19.97
N ASP A 396 -3.60 -3.35 -20.91
CA ASP A 396 -2.38 -4.10 -21.17
CA ASP A 396 -2.38 -4.09 -21.17
C ASP A 396 -1.57 -4.25 -19.88
N ILE A 397 -1.50 -3.21 -19.06
CA ILE A 397 -0.76 -3.30 -17.81
C ILE A 397 -1.55 -4.12 -16.79
N MET A 398 -2.81 -3.79 -16.59
CA MET A 398 -3.57 -4.35 -15.48
C MET A 398 -4.02 -5.79 -15.72
N ARG A 399 -4.09 -6.25 -16.97
CA ARG A 399 -4.29 -7.68 -17.16
C ARG A 399 -3.13 -8.45 -16.54
N VAL A 400 -1.98 -7.83 -16.37
CA VAL A 400 -0.83 -8.47 -15.74
C VAL A 400 -0.79 -8.19 -14.24
N THR A 401 -1.02 -6.95 -13.84
CA THR A 401 -0.84 -6.54 -12.45
C THR A 401 -2.05 -6.81 -11.58
N HIS A 402 -3.24 -6.82 -12.15
CA HIS A 402 -4.48 -6.98 -11.41
C HIS A 402 -5.16 -8.30 -11.69
N GLY A 403 -5.42 -8.60 -12.96
CA GLY A 403 -5.96 -9.88 -13.36
C GLY A 403 -7.47 -9.97 -13.20
N ARG A 404 -8.03 -11.04 -13.76
CA ARG A 404 -9.47 -11.26 -13.74
C ARG A 404 -10.02 -11.33 -12.31
N GLU A 405 -9.19 -11.75 -11.36
CA GLU A 405 -9.63 -11.90 -9.99
C GLU A 405 -9.78 -10.58 -9.24
N HIS A 406 -9.39 -9.45 -9.84
CA HIS A 406 -9.52 -8.14 -9.21
C HIS A 406 -10.72 -7.42 -9.80
N SER A 407 -11.61 -6.93 -8.92
CA SER A 407 -12.85 -6.29 -9.36
C SER A 407 -12.59 -5.10 -10.26
N LEU A 408 -11.43 -4.43 -10.11
CA LEU A 408 -11.18 -3.25 -10.92
C LEU A 408 -11.04 -3.58 -12.41
N ILE A 409 -10.60 -4.79 -12.74
CA ILE A 409 -10.50 -5.20 -14.14
C ILE A 409 -11.88 -5.22 -14.80
N GLU A 410 -12.91 -5.59 -14.04
CA GLU A 410 -14.25 -5.55 -14.61
C GLU A 410 -14.69 -4.12 -14.91
N ASP A 411 -14.40 -3.18 -14.00
CA ASP A 411 -14.72 -1.78 -14.24
C ASP A 411 -14.01 -1.24 -15.48
N LEU A 412 -12.73 -1.59 -15.64
CA LEU A 412 -12.00 -1.13 -16.82
C LEU A 412 -12.63 -1.67 -18.10
N ILE A 413 -13.03 -2.95 -18.08
CA ILE A 413 -13.66 -3.54 -19.26
C ILE A 413 -14.93 -2.79 -19.61
N LEU A 414 -15.69 -2.35 -18.60
CA LEU A 414 -16.89 -1.57 -18.87
C LEU A 414 -16.55 -0.23 -19.51
N LEU A 415 -15.47 0.42 -19.06
CA LEU A 415 -15.07 1.69 -19.67
C LEU A 415 -14.56 1.48 -21.08
N LEU A 416 -13.83 0.39 -21.31
CA LEU A 416 -13.37 0.07 -22.66
C LEU A 416 -14.56 -0.11 -23.61
N GLU A 417 -15.56 -0.85 -23.16
CA GLU A 417 -16.68 -1.15 -24.04
C GLU A 417 -17.52 0.09 -24.30
N GLU A 418 -17.68 0.95 -23.28
CA GLU A 418 -18.40 2.20 -23.47
C GLU A 418 -17.66 3.12 -24.43
N CYS A 419 -16.35 3.29 -24.23
CA CYS A 419 -15.61 4.17 -25.11
C CYS A 419 -15.53 3.63 -26.53
N ASP A 420 -15.44 2.31 -26.70
CA ASP A 420 -15.48 1.72 -28.04
C ASP A 420 -16.80 2.01 -28.72
N ALA A 421 -17.92 1.83 -28.00
CA ALA A 421 -19.22 2.09 -28.60
C ALA A 421 -19.37 3.54 -29.01
N ASN A 422 -18.73 4.46 -28.27
CA ASN A 422 -18.74 5.87 -28.68
C ASN A 422 -17.94 6.09 -29.96
N ILE A 423 -16.86 5.34 -30.16
CA ILE A 423 -16.08 5.49 -31.38
C ILE A 423 -16.80 4.85 -32.56
N ARG A 424 -17.40 3.68 -32.34
CA ARG A 424 -18.07 2.97 -33.43
C ARG A 424 -19.25 3.76 -33.98
N ALA A 425 -19.89 4.57 -33.14
CA ALA A 425 -21.06 5.34 -33.55
C ALA A 425 -20.67 6.62 -34.30
#